data_7YVJ
#
_entry.id   7YVJ
#
_cell.length_a   1.00
_cell.length_b   1.00
_cell.length_c   1.00
_cell.angle_alpha   90.00
_cell.angle_beta   90.00
_cell.angle_gamma   90.00
#
_symmetry.space_group_name_H-M   'P 1'
#
loop_
_entity.id
_entity.type
_entity.pdbx_description
1 polymer 'TH236 Fab light chain'
2 polymer 'TH236 Fab heavy chain'
3 polymer 'Spike glycoprotein'
#
loop_
_entity_poly.entity_id
_entity_poly.type
_entity_poly.pdbx_seq_one_letter_code
_entity_poly.pdbx_strand_id
1 'polypeptide(L)'
;QSALTQPASVSGSPGQSITISCTGTSSDVGGYNYVSWYQQHPGKAPKLMIYDVSNRPSGVSNRFSGSKSGNTASLTISGL
QAEDEADYYCSSYTSSSTLYVFGTGTKVTVL
;
A
2 'polypeptide(L)'
;QVQLVESGGGLVKPGGSLRLSCAASGFMISDSYMNWIRQPPGKGLEWVSYISSNGYAIYYGDSVKGRFTISRDNAKNFLY
LQMNSLRVEDTAVYYCAREQPGGYYDSSGYRLDPWGQGILVTVSS
;
C
3 'polypeptide(L)'
;MFVFLVLLPLVSSQCVNLITRTQLPPAYTNSFTRGVYYPDKVFRSSVLHSTQDLFLPFFSNVTWFHAIHVSGTNGTKRFD
NPVLPFNDGVYFASTEKSNIIRGWIFGTTLDSKTQSLLIVNNATNVVIKVCEFQFCNDPFLDVYYHKNNKSWMESEFRVY
SSANNCTFEYVSQPFLMDLEGKQGNFKNLREFVFKNIDGYFKIYSKHTPINLGRDLPQGFSALEPLVDLPIGINITRFQT
LLALHRSYLTPGDSSSGWTAGAAAYYVGYLQPRTFLLKYNENGTITDAVDCALDPLSETKCTLKSFTVEKGIYQTSNFRV
QPTESIVRFPNITNLCPFDEVFNATRFASVYAWNRKRISNCVADYSVLYNFAPFFAFKCYGVSPTKLNDLCFTNVYADSF
VIRGNEVSQIAPGQTGNIADYNYKLPDDFTGCVIAWNSNKLDSKVGGNYNYRYRLFRKSNLKPFERDISTEIYQAGNKPC
NGVAGVNCYFPLQSYGFRPTYGVGHQPYRVVVLSFELLHAPATVCGPKKSTNLVKNKCVNFNFNGLTGTGVLTESNKKFL
PFQQFGRDIADTTDAVRDPQTLEILDITPCSFGGVSVITPGTNTSNQVAVLYQGVNCTEVPVAIHADQLTPTWRVYSTGS
NVFQTRAGCLIGAEYVNSSYECDIPIGAGICASYQTQTKSHGSASSVASQSIIAYTMSLGAENSVAYSNNSIAIPTNFTI
SVTTEILPVSMTKTSVDCTMYICGDSTECSNLLLQYGSFCTQLKRALTGIAVEQDKNTQEVFAQVKQIYKTPPIKYFGGF
NFSQILPDPSKPSKRSPIEDLLFNKVTLADAGFIKQYGDCLGDIAARDLICAQKFNGLTVLPPLLTDEMIAQYTSALLAG
TITSGWTFGAGPALQIPFPMQMAYRFNGIGVTQNVLYENQKLIANQFNSAIGKIQDSLSSTPSALGKLQDVVNHNAQALN
TLVKQLSSKFGAISSVLNDILSRLDPPEAEVQIDRLITGRLQSLQTYVTQQLIRAAEIRASANLAATKMSECVLGQSKRV
DFCGKGYHLMSFPQSAPHGVVFLHVTYVPAQEKNFTTAPAICHDGKAHFPREGVFVSNGTHWFVTQRNFYEPQIITTDNT
FVSGNCDVVIGIVNNTVYDPLQPELDSFKEELDKYFKNHTSPDVDLGDISGINASVVNIQKEIDRLNEVAKNLNESLIDL
QELGKYEQGSGYIPEAPRDGQAYVRKDGEWVFLSTFLSGLEVLFQGPGGWSHPQFEKGGGSGGGSGGSAWSHPQFEKGGS
HHHHHHHH
;
B
#
# COMPACT_ATOMS: atom_id res chain seq x y z
N SER A 2 -10.07 14.86 11.38
CA SER A 2 -10.59 13.63 10.81
C SER A 2 -10.29 12.45 11.71
N ALA A 3 -11.26 12.08 12.56
CA ALA A 3 -11.12 10.93 13.44
C ALA A 3 -12.45 10.19 13.48
N LEU A 4 -12.37 8.89 13.74
CA LEU A 4 -13.57 8.09 13.86
C LEU A 4 -14.15 8.26 15.27
N THR A 5 -15.47 8.17 15.37
CA THR A 5 -16.15 8.32 16.64
C THR A 5 -16.56 6.93 17.14
N GLN A 6 -15.94 6.50 18.22
CA GLN A 6 -16.14 5.20 18.82
C GLN A 6 -16.69 5.37 20.23
N PRO A 7 -17.63 4.53 20.66
CA PRO A 7 -18.37 4.81 21.90
C PRO A 7 -17.57 4.56 23.17
N ALA A 8 -18.22 4.82 24.31
CA ALA A 8 -17.50 4.87 25.57
C ALA A 8 -17.22 3.48 26.12
N SER A 9 -18.26 2.74 26.46
CA SER A 9 -18.07 1.53 27.24
C SER A 9 -19.33 0.68 27.21
N VAL A 10 -19.18 -0.59 27.59
CA VAL A 10 -20.27 -1.56 27.62
C VAL A 10 -20.07 -2.44 28.85
N SER A 11 -21.07 -3.26 29.15
CA SER A 11 -20.98 -4.16 30.29
C SER A 11 -22.01 -5.29 30.15
N GLY A 12 -21.58 -6.51 30.42
CA GLY A 12 -22.44 -7.68 30.36
C GLY A 12 -21.77 -8.85 31.06
N SER A 13 -22.55 -9.92 31.28
CA SER A 13 -22.02 -11.10 32.01
C SER A 13 -21.69 -12.22 31.02
N PRO A 14 -20.80 -13.18 31.34
CA PRO A 14 -20.53 -14.30 30.44
C PRO A 14 -21.83 -14.87 29.88
N GLY A 15 -21.89 -15.02 28.55
CA GLY A 15 -23.10 -15.57 27.92
C GLY A 15 -23.87 -14.52 27.14
N GLN A 16 -23.73 -13.25 27.53
CA GLN A 16 -24.40 -12.15 26.77
C GLN A 16 -23.57 -11.85 25.52
N SER A 17 -24.05 -10.95 24.68
CA SER A 17 -23.31 -10.59 23.48
C SER A 17 -23.42 -9.09 23.28
N ILE A 18 -22.37 -8.51 22.70
CA ILE A 18 -22.20 -7.06 22.66
C ILE A 18 -22.04 -6.64 21.21
N THR A 19 -22.33 -5.37 20.94
CA THR A 19 -21.99 -4.71 19.69
C THR A 19 -21.36 -3.36 20.00
N ILE A 20 -20.59 -2.86 19.04
CA ILE A 20 -19.89 -1.58 19.17
C ILE A 20 -19.93 -0.85 17.83
N SER A 21 -20.40 0.39 17.87
CA SER A 21 -20.51 1.21 16.67
C SER A 21 -19.27 2.08 16.47
N CYS A 22 -18.92 2.26 15.21
CA CYS A 22 -17.77 3.06 14.83
C CYS A 22 -18.16 3.81 13.55
N THR A 23 -18.54 5.08 13.68
CA THR A 23 -18.95 5.87 12.52
C THR A 23 -17.74 6.47 11.83
N GLY A 24 -18.01 7.27 10.80
CA GLY A 24 -16.94 7.90 10.05
C GLY A 24 -17.51 8.79 8.97
N THR A 25 -16.62 9.25 8.09
CA THR A 25 -17.01 10.11 6.99
C THR A 25 -17.28 9.28 5.73
N SER A 26 -17.42 9.97 4.59
CA SER A 26 -17.67 9.32 3.31
C SER A 26 -16.41 9.23 2.47
N SER A 27 -15.25 9.13 3.12
CA SER A 27 -13.97 9.03 2.44
C SER A 27 -13.02 8.06 3.10
N ASP A 28 -13.20 7.75 4.37
CA ASP A 28 -12.35 6.83 5.11
C ASP A 28 -12.99 5.46 5.33
N VAL A 29 -14.17 5.42 5.96
CA VAL A 29 -14.83 4.15 6.21
C VAL A 29 -15.76 3.79 5.05
N GLY A 30 -16.70 4.68 4.71
CA GLY A 30 -17.59 4.42 3.60
C GLY A 30 -16.89 4.90 2.33
N GLY A 31 -16.79 4.01 1.36
CA GLY A 31 -16.11 4.33 0.13
C GLY A 31 -14.82 3.56 -0.04
N TYR A 32 -14.35 2.90 1.01
CA TYR A 32 -13.11 2.15 0.94
C TYR A 32 -13.16 0.76 1.60
N ASN A 33 -14.08 0.60 2.55
CA ASN A 33 -14.27 -0.65 3.30
C ASN A 33 -12.99 -1.40 3.69
N TYR A 34 -12.05 -0.65 4.28
CA TYR A 34 -10.75 -1.18 4.69
C TYR A 34 -10.61 -1.18 6.20
N VAL A 35 -11.69 -0.92 6.94
CA VAL A 35 -11.63 -0.78 8.38
C VAL A 35 -11.15 -2.05 9.07
N SER A 36 -10.41 -1.87 10.16
CA SER A 36 -9.90 -2.98 10.95
C SER A 36 -10.13 -2.67 12.43
N TRP A 37 -9.88 -3.67 13.27
CA TRP A 37 -10.12 -3.57 14.70
C TRP A 37 -8.98 -4.21 15.46
N TYR A 38 -8.40 -3.47 16.42
CA TYR A 38 -7.35 -3.97 17.28
C TYR A 38 -7.77 -3.92 18.74
N GLN A 39 -7.17 -4.80 19.55
CA GLN A 39 -7.46 -4.91 20.97
C GLN A 39 -6.18 -4.65 21.77
N GLN A 40 -6.34 -4.06 22.95
CA GLN A 40 -5.22 -3.72 23.80
C GLN A 40 -5.60 -3.97 25.26
N HIS A 41 -4.92 -4.93 25.89
CA HIS A 41 -4.92 -4.99 27.34
C HIS A 41 -3.99 -3.93 27.89
N PRO A 42 -4.26 -3.41 29.09
CA PRO A 42 -3.35 -2.42 29.67
C PRO A 42 -1.96 -2.97 29.84
N GLY A 43 -1.00 -2.42 29.11
CA GLY A 43 0.39 -2.81 29.24
C GLY A 43 0.92 -3.68 28.13
N LYS A 44 0.20 -3.83 27.03
CA LYS A 44 0.67 -4.60 25.89
C LYS A 44 0.40 -3.82 24.62
N ALA A 45 1.28 -3.99 23.64
CA ALA A 45 1.09 -3.36 22.35
C ALA A 45 -0.22 -3.84 21.75
N PRO A 46 -1.05 -2.96 21.21
CA PRO A 46 -2.30 -3.40 20.60
C PRO A 46 -2.06 -4.47 19.56
N LYS A 47 -2.87 -5.53 19.63
CA LYS A 47 -2.75 -6.69 18.77
C LYS A 47 -3.90 -6.73 17.78
N LEU A 48 -3.62 -7.17 16.57
CA LEU A 48 -4.64 -7.21 15.53
C LEU A 48 -5.73 -8.19 15.92
N MET A 49 -6.98 -7.76 15.82
CA MET A 49 -8.12 -8.62 16.07
C MET A 49 -8.84 -9.00 14.79
N ILE A 50 -9.27 -8.03 13.99
CA ILE A 50 -9.82 -8.32 12.66
C ILE A 50 -9.41 -7.22 11.69
N TYR A 51 -9.47 -7.55 10.41
CA TYR A 51 -9.16 -6.63 9.32
C TYR A 51 -10.05 -7.06 8.19
N ASP A 52 -10.18 -6.20 7.18
CA ASP A 52 -11.02 -6.47 6.01
C ASP A 52 -12.40 -6.93 6.45
N VAL A 53 -12.82 -6.44 7.62
CA VAL A 53 -14.12 -6.75 8.21
C VAL A 53 -14.39 -8.24 8.37
N SER A 54 -14.75 -8.90 7.27
CA SER A 54 -15.07 -10.32 7.30
C SER A 54 -13.84 -11.22 7.41
N ASN A 55 -12.66 -10.66 7.18
CA ASN A 55 -11.42 -11.42 7.25
C ASN A 55 -10.87 -11.55 8.67
N ARG A 56 -11.13 -12.70 9.29
CA ARG A 56 -10.65 -12.96 10.64
C ARG A 56 -9.25 -13.55 10.55
N PRO A 57 -8.26 -12.99 11.24
CA PRO A 57 -6.90 -13.52 11.12
C PRO A 57 -6.61 -14.63 12.12
N SER A 58 -5.35 -15.07 12.15
CA SER A 58 -4.97 -16.26 12.90
C SER A 58 -5.32 -16.13 14.37
N GLY A 59 -5.64 -17.28 14.98
CA GLY A 59 -5.78 -17.36 16.41
C GLY A 59 -7.07 -16.80 16.98
N VAL A 60 -7.61 -15.79 16.28
CA VAL A 60 -8.81 -15.06 16.79
C VAL A 60 -9.98 -16.01 17.01
N SER A 61 -10.66 -15.90 18.15
CA SER A 61 -11.87 -16.72 18.41
C SER A 61 -13.01 -16.23 17.51
N ASN A 62 -13.72 -17.16 16.88
CA ASN A 62 -14.83 -16.79 15.96
C ASN A 62 -15.82 -15.88 16.70
N ARG A 63 -15.64 -15.70 18.01
CA ARG A 63 -16.61 -14.92 18.76
C ARG A 63 -16.74 -13.47 18.29
N PHE A 64 -15.82 -12.98 17.46
CA PHE A 64 -15.90 -11.63 16.92
C PHE A 64 -16.52 -11.68 15.53
N SER A 65 -17.34 -10.69 15.22
CA SER A 65 -17.98 -10.60 13.90
C SER A 65 -18.07 -9.14 13.49
N GLY A 66 -17.30 -8.77 12.48
CA GLY A 66 -17.34 -7.41 11.99
C GLY A 66 -18.41 -7.21 10.93
N SER A 67 -18.81 -5.96 10.75
CA SER A 67 -19.77 -5.63 9.71
C SER A 67 -19.65 -4.15 9.39
N LYS A 68 -19.95 -3.80 8.15
CA LYS A 68 -19.87 -2.41 7.71
C LYS A 68 -21.15 -2.07 6.97
N SER A 69 -21.81 -1.00 7.39
CA SER A 69 -23.06 -0.57 6.78
C SER A 69 -22.93 0.91 6.41
N GLY A 70 -22.90 1.21 5.13
CA GLY A 70 -22.78 2.58 4.68
C GLY A 70 -21.52 3.21 5.25
N ASN A 71 -21.70 4.22 6.10
CA ASN A 71 -20.59 4.82 6.80
C ASN A 71 -20.29 4.10 8.12
N THR A 72 -21.32 3.73 8.87
CA THR A 72 -21.11 3.08 10.14
C THR A 72 -20.38 1.76 9.95
N ALA A 73 -19.59 1.39 10.94
CA ALA A 73 -19.11 0.03 11.08
C ALA A 73 -19.56 -0.47 12.45
N SER A 74 -19.67 -1.78 12.59
CA SER A 74 -20.18 -2.34 13.82
C SER A 74 -19.56 -3.69 14.08
N LEU A 75 -19.04 -3.86 15.28
CA LEU A 75 -18.49 -5.11 15.74
C LEU A 75 -19.53 -5.79 16.61
N THR A 76 -19.54 -7.13 16.60
CA THR A 76 -20.42 -7.89 17.47
C THR A 76 -19.66 -9.07 18.03
N ILE A 77 -19.46 -9.07 19.34
CA ILE A 77 -18.72 -10.10 20.03
C ILE A 77 -19.71 -11.00 20.77
N SER A 78 -19.52 -12.31 20.64
CA SER A 78 -20.42 -13.29 21.22
C SER A 78 -19.70 -14.08 22.29
N GLY A 79 -20.48 -14.72 23.16
CA GLY A 79 -19.92 -15.50 24.25
C GLY A 79 -19.11 -14.64 25.19
N LEU A 80 -19.78 -13.74 25.89
CA LEU A 80 -19.12 -12.83 26.84
C LEU A 80 -18.25 -13.60 27.82
N GLN A 81 -16.94 -13.31 27.79
CA GLN A 81 -15.99 -13.97 28.68
C GLN A 81 -15.43 -12.99 29.70
N ALA A 82 -14.13 -13.12 29.99
CA ALA A 82 -13.47 -12.25 30.94
C ALA A 82 -12.36 -11.44 30.28
N GLU A 83 -11.57 -12.10 29.44
CA GLU A 83 -10.45 -11.43 28.73
C GLU A 83 -10.98 -10.20 27.97
N ASP A 84 -12.29 -10.16 27.71
CA ASP A 84 -12.90 -9.02 26.99
C ASP A 84 -12.45 -7.71 27.66
N GLU A 85 -12.09 -7.77 28.96
CA GLU A 85 -11.58 -6.58 29.67
C GLU A 85 -10.36 -6.03 28.94
N ALA A 86 -10.56 -5.06 28.04
CA ALA A 86 -9.45 -4.48 27.24
C ALA A 86 -10.02 -3.38 26.35
N ASP A 87 -9.15 -2.53 25.81
CA ASP A 87 -9.60 -1.44 24.90
C ASP A 87 -9.71 -1.97 23.47
N TYR A 88 -10.64 -1.40 22.69
CA TYR A 88 -10.82 -1.81 21.30
C TYR A 88 -10.86 -0.58 20.43
N TYR A 89 -10.03 -0.55 19.39
CA TYR A 89 -9.90 0.60 18.51
C TYR A 89 -10.18 0.20 17.07
N CYS A 90 -11.11 0.90 16.44
CA CYS A 90 -11.40 0.73 15.02
C CYS A 90 -10.56 1.71 14.22
N SER A 91 -9.80 1.20 13.26
CA SER A 91 -8.89 2.02 12.47
C SER A 91 -9.24 1.93 11.00
N SER A 92 -8.80 2.92 10.23
CA SER A 92 -9.13 2.92 8.82
C SER A 92 -8.11 3.69 8.00
N TYR A 93 -8.01 3.31 6.72
CA TYR A 93 -7.16 3.95 5.73
C TYR A 93 -7.93 4.97 4.91
N THR A 94 -7.36 6.16 4.72
CA THR A 94 -8.09 7.25 4.05
C THR A 94 -7.42 7.59 2.73
N SER A 95 -7.80 8.72 2.12
CA SER A 95 -7.25 9.03 0.79
C SER A 95 -6.68 10.45 0.75
N SER A 96 -7.02 11.27 1.74
CA SER A 96 -6.38 12.61 1.80
C SER A 96 -5.08 12.43 2.59
N SER A 97 -4.55 13.51 3.16
CA SER A 97 -3.37 13.29 4.02
C SER A 97 -3.81 12.34 5.13
N THR A 98 -2.87 11.72 5.83
CA THR A 98 -3.20 10.73 6.88
C THR A 98 -3.67 9.45 6.19
N LEU A 99 -2.91 8.37 6.34
CA LEU A 99 -3.26 7.10 5.66
C LEU A 99 -3.95 6.18 6.66
N TYR A 100 -4.05 6.59 7.91
CA TYR A 100 -4.77 5.84 8.93
C TYR A 100 -5.23 6.74 10.07
N VAL A 101 -6.49 6.51 10.44
CA VAL A 101 -7.15 7.18 11.54
C VAL A 101 -7.58 6.11 12.51
N PHE A 102 -7.96 6.55 13.70
CA PHE A 102 -8.35 5.63 14.75
C PHE A 102 -9.60 6.14 15.45
N GLY A 103 -10.28 5.22 16.11
CA GLY A 103 -11.45 5.58 16.88
C GLY A 103 -11.08 6.10 18.24
N THR A 104 -12.05 6.79 18.86
CA THR A 104 -11.82 7.34 20.22
C THR A 104 -11.34 6.22 21.14
N GLY A 105 -11.83 5.00 20.91
CA GLY A 105 -11.45 3.86 21.77
C GLY A 105 -12.62 3.41 22.62
N THR A 106 -12.80 2.09 22.74
CA THR A 106 -13.86 1.55 23.57
C THR A 106 -13.26 0.79 24.73
N LYS A 107 -13.85 0.94 25.90
CA LYS A 107 -13.51 0.13 27.05
C LYS A 107 -14.58 -0.94 27.22
N VAL A 108 -14.18 -2.20 27.12
CA VAL A 108 -15.09 -3.32 27.30
C VAL A 108 -14.77 -3.94 28.64
N THR A 109 -15.72 -3.82 29.56
CA THR A 109 -15.64 -4.40 30.88
C THR A 109 -16.81 -5.35 31.09
N VAL A 110 -16.55 -6.45 31.80
CA VAL A 110 -17.56 -7.47 32.04
C VAL A 110 -17.89 -7.47 33.53
N LEU A 111 -19.16 -7.70 33.84
CA LEU A 111 -19.63 -7.52 35.21
C LEU A 111 -19.34 -8.73 36.08
N GLN B 1 8.51 -14.65 16.96
CA GLN B 1 8.95 -14.78 15.59
C GLN B 1 9.53 -13.49 15.03
N VAL B 2 8.67 -12.54 14.70
CA VAL B 2 9.09 -11.21 14.28
C VAL B 2 8.80 -10.22 15.39
N GLN B 3 9.85 -9.55 15.86
CA GLN B 3 9.77 -8.58 16.93
C GLN B 3 10.06 -7.21 16.35
N LEU B 4 9.50 -6.17 16.96
CA LEU B 4 9.84 -4.80 16.63
C LEU B 4 10.20 -4.05 17.90
N VAL B 5 11.48 -4.03 18.24
CA VAL B 5 11.91 -3.50 19.53
C VAL B 5 12.30 -2.05 19.34
N GLU B 6 12.05 -1.24 20.36
CA GLU B 6 12.34 0.19 20.27
C GLU B 6 13.48 0.56 21.20
N SER B 7 14.05 1.74 20.97
CA SER B 7 15.15 2.19 21.80
C SER B 7 15.44 3.65 21.53
N GLY B 8 15.74 4.42 22.58
CA GLY B 8 16.08 5.81 22.37
C GLY B 8 15.19 6.86 23.02
N GLY B 9 14.08 6.44 23.63
CA GLY B 9 13.13 7.40 24.21
C GLY B 9 13.36 7.64 25.69
N GLY B 10 12.61 8.57 26.29
CA GLY B 10 12.74 8.84 27.73
C GLY B 10 12.38 10.27 28.08
N LEU B 11 13.12 10.88 29.03
CA LEU B 11 12.82 12.24 29.45
C LEU B 11 13.61 13.23 28.61
N VAL B 12 13.07 14.43 28.47
CA VAL B 12 13.72 15.48 27.69
C VAL B 12 13.21 16.82 28.22
N LYS B 13 13.92 17.89 27.87
CA LYS B 13 13.44 19.25 28.10
C LYS B 13 12.73 19.79 26.87
N PRO B 14 11.85 20.76 27.05
CA PRO B 14 11.15 21.34 25.89
C PRO B 14 12.09 22.15 25.02
N GLY B 15 11.89 22.04 23.71
CA GLY B 15 12.75 22.72 22.77
C GLY B 15 13.82 21.83 22.17
N GLY B 16 14.35 20.91 22.96
CA GLY B 16 15.40 20.04 22.48
C GLY B 16 14.95 19.04 21.45
N SER B 17 15.74 17.99 21.24
CA SER B 17 15.42 16.94 20.29
C SER B 17 15.80 15.59 20.86
N LEU B 18 15.48 14.54 20.11
CA LEU B 18 15.75 13.17 20.52
C LEU B 18 15.61 12.30 19.27
N ARG B 19 16.04 11.04 19.39
CA ARG B 19 16.02 10.13 18.25
C ARG B 19 15.53 8.76 18.72
N LEU B 20 14.56 8.20 18.00
CA LEU B 20 14.07 6.86 18.27
C LEU B 20 14.56 5.90 17.20
N SER B 21 14.95 4.70 17.62
CA SER B 21 15.42 3.64 16.74
C SER B 21 14.51 2.43 16.88
N CYS B 22 14.05 1.94 15.75
CA CYS B 22 13.17 0.77 15.65
C CYS B 22 13.96 -0.35 15.02
N ALA B 23 14.20 -1.42 15.78
CA ALA B 23 14.99 -2.55 15.33
C ALA B 23 14.04 -3.71 15.04
N ALA B 24 14.07 -4.19 13.80
CA ALA B 24 13.24 -5.31 13.38
C ALA B 24 14.02 -6.60 13.50
N SER B 25 13.39 -7.62 14.07
CA SER B 25 13.99 -8.94 14.16
C SER B 25 13.00 -9.96 13.64
N GLY B 26 13.52 -11.04 13.08
CA GLY B 26 12.69 -12.05 12.48
C GLY B 26 12.42 -11.88 11.00
N PHE B 27 12.83 -10.75 10.41
CA PHE B 27 12.65 -10.54 8.97
C PHE B 27 13.49 -9.34 8.55
N MET B 28 13.36 -8.97 7.28
CA MET B 28 14.21 -7.98 6.63
C MET B 28 13.48 -6.64 6.56
N ILE B 29 14.03 -5.63 7.23
CA ILE B 29 13.34 -4.31 7.28
C ILE B 29 13.54 -3.55 5.96
N SER B 30 14.34 -4.08 5.04
CA SER B 30 14.67 -3.33 3.79
C SER B 30 13.57 -3.47 2.74
N ASP B 31 12.48 -4.18 3.03
CA ASP B 31 11.42 -4.36 2.04
C ASP B 31 10.03 -4.44 2.65
N SER B 32 9.88 -3.84 3.83
CA SER B 32 8.59 -3.84 4.51
C SER B 32 8.17 -2.41 4.82
N TYR B 33 7.06 -1.97 4.23
CA TYR B 33 6.55 -0.60 4.47
C TYR B 33 6.37 -0.39 5.97
N MET B 34 6.88 0.73 6.50
CA MET B 34 6.77 1.00 7.92
C MET B 34 6.02 2.29 8.21
N ASN B 35 5.60 2.43 9.46
CA ASN B 35 4.94 3.66 9.88
C ASN B 35 4.78 3.66 11.39
N TRP B 36 4.92 4.85 11.96
CA TRP B 36 4.92 5.03 13.40
C TRP B 36 3.55 5.46 13.90
N ILE B 37 3.20 4.99 15.10
CA ILE B 37 1.93 5.29 15.73
C ILE B 37 2.21 5.85 17.12
N ARG B 38 1.70 7.04 17.41
CA ARG B 38 1.90 7.65 18.71
C ARG B 38 0.60 7.60 19.51
N GLN B 39 0.75 7.43 20.81
CA GLN B 39 -0.39 7.33 21.71
C GLN B 39 -0.11 8.15 22.96
N PRO B 40 -0.80 9.25 23.16
CA PRO B 40 -0.64 10.02 24.38
C PRO B 40 -1.06 9.18 25.58
N PRO B 41 -0.71 9.59 26.80
CA PRO B 41 -1.06 8.78 27.98
C PRO B 41 -2.55 8.91 28.28
N GLY B 42 -3.24 7.78 28.31
CA GLY B 42 -4.66 7.78 28.61
C GLY B 42 -5.56 8.23 27.48
N LYS B 43 -5.09 8.16 26.23
CA LYS B 43 -5.93 8.49 25.08
C LYS B 43 -5.83 7.40 24.03
N GLY B 44 -6.38 7.65 22.85
CA GLY B 44 -6.34 6.69 21.78
C GLY B 44 -4.99 6.69 21.06
N LEU B 45 -5.00 6.18 19.85
CA LEU B 45 -3.80 6.13 19.03
C LEU B 45 -3.83 7.24 17.99
N GLU B 46 -2.64 7.60 17.50
CA GLU B 46 -2.55 8.64 16.49
C GLU B 46 -1.39 8.31 15.55
N TRP B 47 -1.58 8.64 14.27
CA TRP B 47 -0.56 8.37 13.27
C TRP B 47 0.59 9.37 13.37
N VAL B 48 1.81 8.89 13.12
CA VAL B 48 2.99 9.75 13.19
C VAL B 48 3.56 10.00 11.80
N SER B 49 4.11 8.95 11.20
CA SER B 49 4.70 9.06 9.86
C SER B 49 4.68 7.70 9.15
N TYR B 50 5.19 7.69 7.93
CA TYR B 50 5.25 6.45 7.14
C TYR B 50 6.34 6.50 6.08
N ILE B 51 7.13 5.43 6.03
CA ILE B 51 8.09 5.20 4.97
C ILE B 51 7.58 4.06 4.10
N SER B 52 7.91 4.12 2.81
CA SER B 52 7.56 3.08 1.85
C SER B 52 8.74 2.14 1.64
N SER B 53 8.55 1.16 0.76
CA SER B 53 9.64 0.27 0.39
C SER B 53 10.63 0.95 -0.54
N ASN B 54 10.11 1.66 -1.55
CA ASN B 54 10.95 2.40 -2.48
C ASN B 54 12.00 3.22 -1.75
N GLY B 55 11.61 3.85 -0.64
CA GLY B 55 12.42 4.89 -0.05
C GLY B 55 12.20 6.24 -0.67
N TYR B 56 11.29 6.35 -1.63
CA TYR B 56 11.04 7.58 -2.34
C TYR B 56 9.66 8.15 -2.04
N ALA B 57 8.91 7.53 -1.15
CA ALA B 57 7.61 8.02 -0.73
C ALA B 57 7.63 8.14 0.79
N ILE B 58 7.41 9.35 1.29
CA ILE B 58 7.47 9.64 2.72
C ILE B 58 6.25 10.48 3.06
N TYR B 59 5.50 10.05 4.06
CA TYR B 59 4.27 10.77 4.42
C TYR B 59 4.28 11.05 5.90
N TYR B 60 4.26 12.32 6.27
CA TYR B 60 4.28 12.72 7.68
C TYR B 60 2.88 12.98 8.19
N GLY B 61 2.75 12.95 9.51
CA GLY B 61 1.54 13.45 10.14
C GLY B 61 1.44 14.95 9.98
N ASP B 62 0.20 15.45 9.85
CA ASP B 62 0.01 16.87 9.61
C ASP B 62 0.51 17.70 10.78
N SER B 63 0.49 17.16 11.99
CA SER B 63 0.94 17.92 13.15
C SER B 63 2.46 17.91 13.29
N VAL B 64 3.11 16.81 12.93
CA VAL B 64 4.56 16.70 13.05
C VAL B 64 5.23 17.22 11.79
N LYS B 65 4.47 17.82 10.89
CA LYS B 65 5.06 18.34 9.67
C LYS B 65 5.99 19.49 10.01
N GLY B 66 7.10 19.57 9.30
CA GLY B 66 8.07 20.61 9.53
C GLY B 66 9.18 20.19 10.46
N ARG B 67 8.97 19.11 11.21
CA ARG B 67 9.94 18.58 12.15
C ARG B 67 9.87 17.06 12.01
N PHE B 68 10.42 16.34 12.98
CA PHE B 68 10.22 14.90 13.10
C PHE B 68 10.67 14.18 11.83
N THR B 69 11.97 14.23 11.56
CA THR B 69 12.46 13.60 10.35
C THR B 69 12.48 12.08 10.51
N ILE B 70 12.34 11.38 9.38
CA ILE B 70 12.33 9.93 9.36
C ILE B 70 13.33 9.44 8.32
N SER B 71 13.87 8.26 8.55
CA SER B 71 14.82 7.65 7.62
C SER B 71 14.98 6.19 8.00
N ARG B 72 15.75 5.47 7.19
CA ARG B 72 16.02 4.07 7.43
C ARG B 72 17.50 3.80 7.23
N ASP B 73 18.07 2.98 8.11
CA ASP B 73 19.46 2.52 7.99
C ASP B 73 19.40 1.11 7.40
N ASN B 74 19.38 1.03 6.08
CA ASN B 74 19.44 -0.26 5.42
C ASN B 74 20.80 -0.92 5.58
N ALA B 75 21.81 -0.17 6.02
CA ALA B 75 23.08 -0.78 6.38
C ALA B 75 22.99 -1.48 7.73
N LYS B 76 22.55 -0.75 8.76
CA LYS B 76 22.31 -1.33 10.07
C LYS B 76 20.89 -1.88 10.20
N ASN B 77 20.08 -1.76 9.15
CA ASN B 77 18.78 -2.43 9.07
C ASN B 77 17.83 -1.99 10.17
N PHE B 78 17.86 -0.70 10.51
CA PHE B 78 16.95 -0.14 11.49
C PHE B 78 16.11 0.95 10.84
N LEU B 79 15.14 1.46 11.59
CA LEU B 79 14.43 2.68 11.21
C LEU B 79 14.75 3.74 12.24
N TYR B 80 14.96 4.97 11.77
CA TYR B 80 15.27 6.08 12.66
C TYR B 80 14.23 7.17 12.48
N LEU B 81 13.78 7.73 13.60
CA LEU B 81 12.87 8.87 13.60
C LEU B 81 13.39 9.86 14.60
N GLN B 82 13.88 11.00 14.13
CA GLN B 82 14.43 12.03 15.00
C GLN B 82 13.37 13.11 15.21
N MET B 83 12.94 13.27 16.46
CA MET B 83 12.02 14.32 16.83
C MET B 83 12.85 15.55 17.19
N ASN B 84 12.69 16.63 16.43
CA ASN B 84 13.52 17.81 16.56
C ASN B 84 12.69 19.04 16.87
N SER B 85 13.14 19.82 17.85
CA SER B 85 12.42 20.99 18.36
C SER B 85 11.06 20.59 18.93
N LEU B 86 11.11 19.78 19.99
CA LEU B 86 9.90 19.25 20.59
C LEU B 86 9.23 20.28 21.47
N ARG B 87 7.94 20.07 21.69
CA ARG B 87 7.11 20.91 22.55
C ARG B 87 6.49 20.06 23.64
N VAL B 88 5.71 20.70 24.51
CA VAL B 88 5.22 20.04 25.71
C VAL B 88 4.12 19.04 25.40
N GLU B 89 3.43 19.18 24.27
CA GLU B 89 2.27 18.36 23.98
C GLU B 89 2.62 17.03 23.34
N ASP B 90 3.89 16.71 23.16
CA ASP B 90 4.28 15.50 22.45
C ASP B 90 4.57 14.32 23.37
N THR B 91 4.51 14.50 24.68
CA THR B 91 4.75 13.38 25.57
C THR B 91 3.78 12.26 25.29
N ALA B 92 4.29 11.05 25.05
CA ALA B 92 3.45 9.95 24.60
C ALA B 92 4.29 8.69 24.49
N VAL B 93 3.62 7.58 24.25
CA VAL B 93 4.28 6.33 23.92
C VAL B 93 4.27 6.17 22.41
N TYR B 94 5.29 5.49 21.88
CA TYR B 94 5.47 5.35 20.45
C TYR B 94 5.64 3.89 20.08
N TYR B 95 5.00 3.51 18.96
CA TYR B 95 5.01 2.16 18.42
C TYR B 95 5.47 2.22 16.97
N CYS B 96 6.26 1.25 16.59
CA CYS B 96 6.80 1.12 15.23
C CYS B 96 6.18 -0.09 14.55
N ALA B 97 5.28 0.13 13.58
CA ALA B 97 4.47 -0.98 13.08
C ALA B 97 4.60 -1.09 11.57
N ARG B 98 4.47 -2.34 11.10
CA ARG B 98 4.67 -2.70 9.71
C ARG B 98 3.38 -3.16 9.05
N GLU B 99 3.15 -2.69 7.83
CA GLU B 99 1.93 -3.06 7.12
C GLU B 99 2.04 -4.51 6.68
N GLN B 100 0.97 -5.27 6.90
CA GLN B 100 1.01 -6.71 6.59
C GLN B 100 1.13 -6.98 5.10
N PRO B 101 0.22 -6.48 4.23
CA PRO B 101 0.28 -6.87 2.82
C PRO B 101 1.41 -6.18 2.10
N GLY B 102 2.64 -6.58 2.42
CA GLY B 102 3.80 -6.00 1.81
C GLY B 102 4.33 -6.84 0.67
N GLY B 103 3.53 -7.77 0.16
CA GLY B 103 3.92 -8.57 -0.97
C GLY B 103 3.50 -7.91 -2.26
N TYR B 104 3.65 -8.64 -3.35
CA TYR B 104 3.31 -8.06 -4.63
C TYR B 104 2.04 -8.54 -5.26
N TYR B 105 1.54 -9.64 -4.76
CA TYR B 105 0.22 -10.13 -5.20
C TYR B 105 -0.59 -10.50 -3.95
N ASP B 106 -1.11 -9.51 -3.23
CA ASP B 106 -1.81 -9.75 -1.94
C ASP B 106 -3.33 -9.76 -2.13
N SER B 107 -3.86 -8.89 -2.99
CA SER B 107 -5.34 -8.80 -3.15
C SER B 107 -5.99 -8.80 -1.76
N SER B 108 -5.35 -8.16 -0.79
CA SER B 108 -5.87 -8.11 0.57
C SER B 108 -5.63 -6.73 1.17
N GLY B 109 -6.64 -6.18 1.83
CA GLY B 109 -6.55 -4.86 2.41
C GLY B 109 -5.39 -4.74 3.39
N TYR B 110 -5.01 -3.50 3.66
CA TYR B 110 -3.90 -3.25 4.56
C TYR B 110 -4.28 -3.48 6.01
N ARG B 111 -3.28 -3.85 6.81
CA ARG B 111 -3.48 -4.02 8.25
C ARG B 111 -2.12 -3.99 8.94
N LEU B 112 -1.98 -3.16 9.96
CA LEU B 112 -0.73 -3.16 10.71
C LEU B 112 -0.71 -4.42 11.57
N ASP B 113 0.07 -5.42 11.15
CA ASP B 113 0.07 -6.72 11.88
C ASP B 113 1.20 -6.74 12.93
N PRO B 114 2.50 -6.73 12.55
CA PRO B 114 3.57 -6.83 13.53
C PRO B 114 3.65 -5.52 14.32
N TRP B 115 3.43 -5.58 15.63
CA TRP B 115 3.41 -4.34 16.45
C TRP B 115 4.74 -4.16 17.16
N GLY B 116 5.01 -2.95 17.65
CA GLY B 116 6.23 -2.68 18.38
C GLY B 116 6.01 -2.74 19.87
N GLN B 117 7.08 -3.01 20.62
CA GLN B 117 6.96 -2.98 22.08
C GLN B 117 6.54 -1.61 22.57
N GLY B 118 7.11 -0.55 22.00
CA GLY B 118 6.70 0.80 22.35
C GLY B 118 7.52 1.43 23.45
N ILE B 119 7.96 2.67 23.27
CA ILE B 119 8.69 3.36 24.33
C ILE B 119 8.15 4.78 24.50
N LEU B 120 8.29 5.29 25.72
CA LEU B 120 7.72 6.57 26.13
C LEU B 120 8.70 7.73 26.05
N VAL B 121 8.14 8.91 25.84
CA VAL B 121 8.85 10.19 25.81
C VAL B 121 8.06 11.19 26.64
N THR B 122 8.77 11.95 27.46
CA THR B 122 8.18 12.91 28.39
C THR B 122 8.87 14.25 28.26
N VAL B 123 8.08 15.29 27.97
CA VAL B 123 8.58 16.62 27.64
C VAL B 123 8.02 17.61 28.66
N SER B 124 8.88 18.11 29.54
CA SER B 124 8.50 19.09 30.56
C SER B 124 9.78 19.63 31.19
N SER B 125 9.61 20.41 32.24
CA SER B 125 10.75 20.90 33.01
C SER B 125 11.34 19.78 33.86
N ASN C 334 -9.38 -27.11 -12.97
CA ASN C 334 -8.24 -26.38 -12.42
C ASN C 334 -8.17 -24.98 -13.02
N LEU C 335 -8.87 -24.04 -12.39
CA LEU C 335 -8.97 -22.70 -12.94
C LEU C 335 -7.64 -21.95 -12.83
N CYS C 336 -7.60 -20.77 -13.47
CA CYS C 336 -6.41 -19.94 -13.51
C CYS C 336 -6.54 -18.74 -12.60
N PRO C 337 -5.44 -18.22 -12.07
CA PRO C 337 -5.49 -17.02 -11.21
C PRO C 337 -5.57 -15.73 -12.05
N PHE C 338 -6.78 -15.42 -12.49
CA PHE C 338 -7.00 -14.15 -13.22
C PHE C 338 -7.39 -13.07 -12.21
N ASP C 339 -8.36 -13.40 -11.34
CA ASP C 339 -8.86 -12.41 -10.33
C ASP C 339 -7.83 -12.27 -9.21
N GLU C 340 -6.64 -12.84 -9.37
CA GLU C 340 -5.58 -12.65 -8.40
C GLU C 340 -4.52 -11.68 -8.86
N VAL C 341 -4.45 -11.39 -10.14
CA VAL C 341 -3.55 -10.37 -10.67
C VAL C 341 -4.27 -9.07 -10.95
N PHE C 342 -5.52 -9.12 -11.43
CA PHE C 342 -6.29 -7.91 -11.60
C PHE C 342 -6.74 -7.35 -10.25
N ASN C 343 -6.99 -8.25 -9.30
CA ASN C 343 -7.44 -7.82 -7.95
C ASN C 343 -6.23 -7.47 -7.07
N ALA C 344 -5.05 -7.29 -7.68
CA ALA C 344 -3.83 -6.98 -6.91
C ALA C 344 -4.02 -5.71 -6.08
N THR C 345 -3.49 -5.67 -4.85
CA THR C 345 -3.64 -4.50 -3.99
C THR C 345 -2.62 -3.42 -4.30
N ARG C 346 -1.40 -3.78 -4.69
CA ARG C 346 -0.37 -2.79 -4.97
C ARG C 346 0.37 -3.19 -6.22
N PHE C 347 0.41 -2.30 -7.19
CA PHE C 347 1.05 -2.51 -8.48
C PHE C 347 2.49 -2.05 -8.46
N ALA C 348 3.23 -2.43 -9.50
CA ALA C 348 4.60 -1.99 -9.67
C ALA C 348 4.65 -0.72 -10.52
N SER C 349 5.78 -0.05 -10.50
CA SER C 349 5.96 1.12 -11.34
C SER C 349 6.32 0.70 -12.75
N VAL C 350 6.13 1.63 -13.66
CA VAL C 350 6.31 1.33 -15.04
C VAL C 350 7.66 0.84 -15.34
N TYR C 351 8.66 1.51 -14.83
CA TYR C 351 10.05 1.15 -15.11
C TYR C 351 10.61 -0.09 -14.48
N ALA C 352 9.87 -0.77 -13.63
CA ALA C 352 10.36 -1.98 -13.09
C ALA C 352 9.17 -2.89 -13.10
N TRP C 353 8.44 -2.90 -14.21
CA TRP C 353 7.23 -3.69 -14.37
C TRP C 353 7.32 -5.16 -14.05
N ASN C 354 6.20 -5.74 -13.68
CA ASN C 354 6.24 -7.13 -13.29
C ASN C 354 5.65 -8.15 -14.24
N ARG C 355 6.35 -9.26 -14.43
CA ARG C 355 5.88 -10.32 -15.32
C ARG C 355 5.58 -11.60 -14.55
N LYS C 356 4.48 -12.26 -14.91
CA LYS C 356 4.08 -13.50 -14.25
C LYS C 356 3.58 -14.52 -15.27
N ARG C 357 4.13 -15.73 -15.22
CA ARG C 357 3.74 -16.80 -16.13
C ARG C 357 2.52 -17.54 -15.59
N ILE C 358 1.51 -17.72 -16.45
CA ILE C 358 0.30 -18.41 -16.06
C ILE C 358 0.06 -19.51 -17.08
N SER C 359 0.01 -20.75 -16.60
CA SER C 359 -0.06 -21.91 -17.48
C SER C 359 -0.62 -23.09 -16.70
N ASN C 360 -0.88 -24.17 -17.42
CA ASN C 360 -1.34 -25.42 -16.84
C ASN C 360 -2.61 -25.20 -16.00
N CYS C 361 -3.63 -24.70 -16.67
CA CYS C 361 -4.91 -24.39 -16.05
C CYS C 361 -5.90 -24.04 -17.15
N VAL C 362 -7.17 -23.98 -16.77
CA VAL C 362 -8.24 -23.64 -17.71
C VAL C 362 -8.56 -22.16 -17.56
N ALA C 363 -8.30 -21.40 -18.61
CA ALA C 363 -8.48 -19.96 -18.61
C ALA C 363 -9.79 -19.60 -19.29
N ASP C 364 -10.55 -18.71 -18.66
CA ASP C 364 -11.80 -18.22 -19.23
C ASP C 364 -11.79 -16.70 -19.18
N TYR C 365 -11.99 -16.06 -20.32
CA TYR C 365 -11.96 -14.61 -20.43
C TYR C 365 -13.35 -13.98 -20.44
N SER C 366 -14.28 -14.57 -19.70
CA SER C 366 -15.59 -13.96 -19.54
C SER C 366 -15.74 -13.26 -18.20
N VAL C 367 -14.85 -13.53 -17.24
CA VAL C 367 -14.94 -12.89 -15.93
C VAL C 367 -14.27 -11.53 -15.90
N LEU C 368 -13.49 -11.17 -16.91
CA LEU C 368 -12.72 -9.94 -16.88
C LEU C 368 -13.62 -8.71 -17.02
N TYR C 369 -14.76 -8.85 -17.65
CA TYR C 369 -15.60 -7.68 -17.80
C TYR C 369 -16.07 -7.01 -16.52
N ASN C 370 -16.05 -7.75 -15.42
CA ASN C 370 -16.51 -7.22 -14.12
C ASN C 370 -15.84 -5.92 -13.65
N PHE C 371 -14.59 -6.02 -13.24
CA PHE C 371 -13.84 -4.88 -12.71
C PHE C 371 -13.65 -3.69 -13.66
N ALA C 372 -13.76 -2.50 -13.09
CA ALA C 372 -13.57 -1.20 -13.78
C ALA C 372 -14.50 -0.80 -14.94
N PRO C 373 -14.33 0.43 -15.44
CA PRO C 373 -15.08 1.02 -16.55
C PRO C 373 -14.48 0.54 -17.87
N PHE C 374 -13.27 -0.02 -17.79
CA PHE C 374 -12.54 -0.56 -18.92
C PHE C 374 -12.46 0.45 -20.05
N PHE C 375 -11.80 1.58 -19.77
CA PHE C 375 -11.63 2.63 -20.76
C PHE C 375 -11.06 2.09 -22.07
N ALA C 376 -10.24 1.03 -22.00
CA ALA C 376 -9.64 0.45 -23.20
C ALA C 376 -9.46 -1.04 -22.99
N PHE C 377 -10.00 -1.83 -23.90
CA PHE C 377 -9.78 -3.27 -23.90
C PHE C 377 -9.75 -3.73 -25.35
N LYS C 378 -8.56 -3.95 -25.90
CA LYS C 378 -8.41 -4.24 -27.31
C LYS C 378 -7.29 -5.25 -27.51
N CYS C 379 -7.37 -5.95 -28.63
CA CYS C 379 -6.44 -7.03 -28.95
C CYS C 379 -5.87 -6.84 -30.34
N TYR C 380 -4.62 -7.26 -30.51
CA TYR C 380 -3.96 -7.25 -31.80
C TYR C 380 -3.61 -8.68 -32.19
N GLY C 381 -4.10 -9.12 -33.35
CA GLY C 381 -3.87 -10.45 -33.83
C GLY C 381 -4.97 -11.44 -33.50
N VAL C 382 -5.83 -11.14 -32.54
CA VAL C 382 -6.97 -11.97 -32.20
C VAL C 382 -8.17 -11.06 -31.98
N SER C 383 -9.35 -11.66 -31.97
CA SER C 383 -10.54 -10.91 -31.63
C SER C 383 -11.15 -11.45 -30.34
N PRO C 384 -11.56 -10.59 -29.42
CA PRO C 384 -11.98 -11.06 -28.10
C PRO C 384 -13.18 -11.99 -28.14
N THR C 385 -14.11 -11.78 -29.06
CA THR C 385 -15.30 -12.62 -29.09
C THR C 385 -14.94 -14.07 -29.40
N LYS C 386 -13.84 -14.28 -30.13
CA LYS C 386 -13.36 -15.62 -30.44
C LYS C 386 -12.32 -16.09 -29.45
N LEU C 387 -12.02 -15.31 -28.42
CA LEU C 387 -10.84 -15.58 -27.60
C LEU C 387 -11.07 -16.68 -26.58
N ASN C 388 -12.33 -16.97 -26.25
CA ASN C 388 -12.63 -17.97 -25.23
C ASN C 388 -12.39 -19.40 -25.68
N ASP C 389 -11.92 -19.62 -26.91
CA ASP C 389 -11.92 -20.96 -27.49
C ASP C 389 -10.53 -21.56 -27.71
N LEU C 390 -9.56 -20.77 -28.17
CA LEU C 390 -8.32 -21.33 -28.65
C LEU C 390 -7.42 -21.75 -27.50
N CYS C 391 -6.43 -22.58 -27.82
CA CYS C 391 -5.40 -23.01 -26.88
C CYS C 391 -4.08 -22.37 -27.26
N PHE C 392 -3.29 -21.99 -26.26
CA PHE C 392 -2.11 -21.18 -26.46
C PHE C 392 -0.87 -21.90 -25.96
N THR C 393 0.30 -21.34 -26.29
CA THR C 393 1.56 -21.95 -25.88
C THR C 393 1.89 -21.60 -24.44
N ASN C 394 2.11 -20.32 -24.18
CA ASN C 394 2.45 -19.83 -22.85
C ASN C 394 2.10 -18.35 -22.80
N VAL C 395 1.17 -17.99 -21.94
CA VAL C 395 0.63 -16.64 -21.89
C VAL C 395 1.26 -15.92 -20.71
N TYR C 396 1.72 -14.70 -20.94
CA TYR C 396 2.38 -13.90 -19.92
C TYR C 396 1.50 -12.70 -19.56
N ALA C 397 1.76 -12.14 -18.38
CA ALA C 397 1.00 -10.99 -17.90
C ALA C 397 1.95 -9.99 -17.27
N ASP C 398 1.95 -8.78 -17.79
CA ASP C 398 2.78 -7.70 -17.29
C ASP C 398 1.87 -6.62 -16.74
N SER C 399 2.22 -6.08 -15.57
CA SER C 399 1.40 -5.08 -14.92
C SER C 399 2.26 -3.91 -14.48
N PHE C 400 1.72 -2.70 -14.61
CA PHE C 400 2.42 -1.48 -14.23
C PHE C 400 1.40 -0.34 -14.28
N VAL C 401 1.87 0.85 -13.93
CA VAL C 401 1.02 2.04 -13.86
C VAL C 401 1.66 3.15 -14.68
N ILE C 402 0.83 3.81 -15.51
CA ILE C 402 1.30 4.90 -16.41
C ILE C 402 0.33 6.07 -16.32
N ARG C 403 0.70 7.22 -16.89
CA ARG C 403 -0.19 8.41 -16.85
C ARG C 403 -1.40 8.16 -17.77
N GLY C 404 -2.37 9.08 -17.75
CA GLY C 404 -3.60 8.86 -18.54
C GLY C 404 -3.57 9.54 -19.90
N ASN C 405 -2.42 10.09 -20.31
CA ASN C 405 -2.36 10.67 -21.67
C ASN C 405 -1.35 9.86 -22.45
N GLU C 406 -0.79 8.81 -21.84
CA GLU C 406 0.27 8.03 -22.52
C GLU C 406 -0.23 6.61 -22.82
N VAL C 407 -1.43 6.29 -22.34
CA VAL C 407 -2.01 4.93 -22.60
C VAL C 407 -1.83 4.59 -24.08
N SER C 408 -1.95 5.59 -24.97
CA SER C 408 -1.85 5.32 -26.40
C SER C 408 -0.47 4.81 -26.77
N GLN C 409 0.56 5.24 -26.06
CA GLN C 409 1.92 4.83 -26.35
C GLN C 409 2.11 3.33 -26.28
N ILE C 410 1.25 2.60 -25.56
CA ILE C 410 1.38 1.15 -25.42
C ILE C 410 0.61 0.54 -26.60
N ALA C 411 1.32 0.36 -27.70
CA ALA C 411 0.73 -0.12 -28.95
C ALA C 411 1.84 -0.71 -29.79
N PRO C 412 1.52 -1.52 -30.78
CA PRO C 412 2.58 -2.10 -31.62
C PRO C 412 3.35 -1.05 -32.40
N GLY C 413 4.62 -0.87 -32.06
CA GLY C 413 5.50 -0.04 -32.87
C GLY C 413 5.15 1.42 -32.99
N GLN C 414 4.62 2.03 -31.93
CA GLN C 414 4.37 3.47 -31.92
C GLN C 414 5.41 4.19 -31.08
N THR C 415 5.90 5.31 -31.58
CA THR C 415 6.98 6.06 -30.95
C THR C 415 6.43 7.17 -30.06
N GLY C 416 7.20 7.51 -29.04
CA GLY C 416 6.79 8.48 -28.04
C GLY C 416 7.86 8.52 -26.97
N ASN C 417 7.44 8.55 -25.71
CA ASN C 417 8.39 8.59 -24.60
C ASN C 417 8.06 7.56 -23.52
N ILE C 418 7.02 6.76 -23.77
CA ILE C 418 6.60 5.74 -22.82
C ILE C 418 7.03 4.35 -23.29
N ALA C 419 7.50 4.26 -24.53
CA ALA C 419 7.94 3.00 -25.10
C ALA C 419 9.29 3.13 -25.78
N ASP C 420 10.08 4.10 -25.35
CA ASP C 420 11.41 4.33 -25.92
C ASP C 420 12.48 3.87 -24.95
N TYR C 421 12.39 4.29 -23.69
CA TYR C 421 13.36 3.95 -22.69
C TYR C 421 12.73 3.33 -21.45
N ASN C 422 11.43 3.47 -21.26
CA ASN C 422 10.66 2.91 -20.16
C ASN C 422 10.48 1.41 -20.24
N TYR C 423 9.66 0.99 -21.21
CA TYR C 423 9.31 -0.39 -21.50
C TYR C 423 8.76 -0.45 -22.92
N LYS C 424 9.20 -1.45 -23.68
CA LYS C 424 8.77 -1.58 -25.07
C LYS C 424 8.38 -3.00 -25.45
N LEU C 425 7.31 -3.11 -26.22
CA LEU C 425 6.74 -4.32 -26.78
C LEU C 425 7.16 -4.46 -28.23
N PRO C 426 7.10 -5.64 -28.82
CA PRO C 426 7.60 -5.83 -30.19
C PRO C 426 6.70 -5.19 -31.23
N ASP C 427 7.22 -5.13 -32.46
CA ASP C 427 6.41 -4.63 -33.57
C ASP C 427 5.49 -5.69 -34.15
N ASP C 428 5.78 -6.96 -33.90
CA ASP C 428 4.91 -8.07 -34.29
C ASP C 428 4.09 -8.59 -33.11
N PHE C 429 3.67 -7.69 -32.22
CA PHE C 429 2.99 -8.11 -31.00
C PHE C 429 1.67 -8.80 -31.32
N THR C 430 1.30 -9.73 -30.44
CA THR C 430 0.00 -10.38 -30.47
C THR C 430 -0.49 -10.56 -29.05
N GLY C 431 -1.75 -10.28 -28.83
CA GLY C 431 -2.30 -10.41 -27.49
C GLY C 431 -3.35 -9.33 -27.26
N CYS C 432 -3.45 -8.90 -26.00
CA CYS C 432 -4.46 -7.92 -25.63
C CYS C 432 -3.89 -7.01 -24.55
N VAL C 433 -4.50 -5.83 -24.42
CA VAL C 433 -4.12 -4.86 -23.40
C VAL C 433 -5.38 -4.41 -22.69
N ILE C 434 -5.24 -4.10 -21.40
CA ILE C 434 -6.36 -3.74 -20.55
C ILE C 434 -5.92 -2.60 -19.65
N ALA C 435 -6.76 -1.56 -19.55
CA ALA C 435 -6.44 -0.43 -18.69
C ALA C 435 -7.72 0.14 -18.11
N TRP C 436 -7.60 0.66 -16.89
CA TRP C 436 -8.75 1.27 -16.17
C TRP C 436 -8.17 2.34 -15.25
N ASN C 437 -8.67 3.53 -15.41
CA ASN C 437 -8.20 4.66 -14.71
C ASN C 437 -8.54 4.39 -13.31
N SER C 438 -7.54 4.34 -12.45
CA SER C 438 -7.78 4.13 -11.06
C SER C 438 -7.17 5.31 -10.43
N ASN C 439 -8.00 6.25 -10.06
CA ASN C 439 -7.59 7.50 -9.49
C ASN C 439 -8.10 7.55 -8.10
N LYS C 440 -8.70 6.46 -7.70
CA LYS C 440 -9.32 6.31 -6.39
C LYS C 440 -8.48 5.47 -5.44
N LEU C 441 -7.36 4.92 -5.92
CA LEU C 441 -6.51 4.10 -5.08
C LEU C 441 -5.03 4.43 -5.24
N ASP C 442 -4.66 5.29 -6.17
CA ASP C 442 -3.26 5.58 -6.45
C ASP C 442 -2.92 7.06 -6.39
N SER C 443 -3.87 7.94 -6.14
CA SER C 443 -3.61 9.38 -6.11
C SER C 443 -3.98 9.97 -4.76
N LYS C 444 -2.97 10.52 -4.09
CA LYS C 444 -3.20 11.18 -2.79
C LYS C 444 -3.20 12.69 -3.02
N VAL C 445 -3.50 13.47 -1.98
CA VAL C 445 -3.52 14.92 -2.09
C VAL C 445 -2.13 15.51 -1.89
N GLY C 446 -1.60 16.14 -2.93
CA GLY C 446 -0.28 16.74 -2.87
C GLY C 446 0.70 16.08 -3.81
N GLY C 447 0.24 15.00 -4.45
CA GLY C 447 1.05 14.23 -5.37
C GLY C 447 1.46 12.90 -4.74
N ASN C 448 1.08 11.78 -5.35
CA ASN C 448 1.42 10.47 -4.81
C ASN C 448 2.78 10.17 -5.38
N TYR C 449 3.84 10.40 -4.62
CA TYR C 449 5.17 10.20 -5.18
C TYR C 449 5.64 8.78 -4.95
N ASN C 450 5.10 7.83 -5.71
CA ASN C 450 5.46 6.44 -5.55
C ASN C 450 5.79 5.73 -6.85
N TYR C 451 5.49 6.32 -8.00
CA TYR C 451 5.74 5.70 -9.30
C TYR C 451 6.56 6.65 -10.17
N ARG C 452 7.69 6.17 -10.67
CA ARG C 452 8.58 7.01 -11.47
C ARG C 452 8.91 6.31 -12.79
N TYR C 453 9.58 7.07 -13.67
CA TYR C 453 9.90 6.61 -15.01
C TYR C 453 11.19 7.27 -15.49
N ARG C 454 11.98 6.54 -16.26
CA ARG C 454 13.26 7.04 -16.75
C ARG C 454 13.02 8.12 -17.80
N LEU C 455 13.43 9.34 -17.50
CA LEU C 455 13.26 10.41 -18.47
C LEU C 455 14.48 10.53 -19.37
N PHE C 456 15.69 10.32 -18.85
CA PHE C 456 16.90 10.41 -19.64
C PHE C 456 17.52 9.03 -19.81
N ARG C 457 17.70 8.61 -21.06
CA ARG C 457 18.39 7.38 -21.38
C ARG C 457 19.29 7.64 -22.58
N LYS C 458 20.45 6.96 -22.60
CA LYS C 458 21.38 7.13 -23.69
C LYS C 458 20.81 6.61 -25.00
N SER C 459 20.37 5.35 -25.01
CA SER C 459 19.87 4.71 -26.22
C SER C 459 18.59 3.95 -25.90
N ASN C 460 17.69 3.89 -26.87
CA ASN C 460 16.43 3.19 -26.67
C ASN C 460 16.67 1.71 -26.43
N LEU C 461 15.60 0.99 -26.12
CA LEU C 461 15.72 -0.37 -25.60
C LEU C 461 15.05 -1.37 -26.52
N LYS C 462 15.62 -2.56 -26.57
CA LYS C 462 15.04 -3.65 -27.34
C LYS C 462 13.73 -4.10 -26.67
N PRO C 463 12.87 -4.81 -27.41
CA PRO C 463 11.59 -5.23 -26.83
C PRO C 463 11.75 -6.12 -25.61
N PHE C 464 10.91 -5.85 -24.60
CA PHE C 464 10.74 -6.70 -23.43
C PHE C 464 12.00 -6.81 -22.58
N GLU C 465 12.71 -5.70 -22.43
CA GLU C 465 13.81 -5.61 -21.49
C GLU C 465 13.54 -4.48 -20.51
N ARG C 466 13.91 -4.67 -19.25
CA ARG C 466 13.74 -3.65 -18.23
C ARG C 466 15.10 -3.30 -17.62
N ASP C 467 15.31 -2.01 -17.37
CA ASP C 467 16.57 -1.50 -16.86
C ASP C 467 16.39 -0.88 -15.48
N ILE C 468 17.21 -1.34 -14.53
CA ILE C 468 17.16 -0.83 -13.16
C ILE C 468 18.51 -0.25 -12.74
N SER C 469 19.42 -0.14 -13.69
CA SER C 469 20.74 0.39 -13.43
C SER C 469 20.68 1.89 -13.14
N THR C 470 21.26 2.30 -12.01
CA THR C 470 21.27 3.71 -11.62
C THR C 470 22.48 4.44 -12.20
N GLU C 471 22.21 5.45 -13.02
CA GLU C 471 23.27 6.24 -13.64
C GLU C 471 22.82 7.67 -13.91
N ILE C 472 23.71 8.62 -13.72
CA ILE C 472 23.40 10.03 -13.95
C ILE C 472 23.71 10.41 -15.40
N TYR C 473 22.73 11.02 -16.08
CA TYR C 473 22.90 11.48 -17.45
C TYR C 473 24.14 12.36 -17.57
N GLN C 474 24.75 12.36 -18.75
CA GLN C 474 25.95 13.14 -19.00
C GLN C 474 25.66 14.57 -19.44
N ALA C 475 26.72 15.39 -19.49
CA ALA C 475 26.59 16.77 -19.91
C ALA C 475 27.86 17.23 -20.64
N GLY C 476 28.17 16.56 -21.75
CA GLY C 476 29.35 16.88 -22.53
C GLY C 476 30.62 16.68 -21.74
N ASN C 477 30.51 15.91 -20.66
CA ASN C 477 31.65 15.61 -19.74
C ASN C 477 31.30 14.42 -18.86
N LYS C 478 32.32 13.76 -18.29
CA LYS C 478 32.05 12.63 -17.35
C LYS C 478 30.84 13.02 -16.50
N PRO C 479 29.70 12.30 -16.60
CA PRO C 479 28.48 12.70 -15.88
C PRO C 479 28.70 12.96 -14.39
N CYS C 480 28.12 14.05 -13.86
CA CYS C 480 28.23 14.38 -12.43
C CYS C 480 28.03 13.11 -11.59
N ASN C 481 28.94 12.82 -10.67
CA ASN C 481 28.89 11.57 -9.92
C ASN C 481 28.14 11.80 -8.61
N GLY C 482 26.83 11.99 -8.74
CA GLY C 482 26.02 12.21 -7.55
C GLY C 482 25.33 13.56 -7.50
N VAL C 483 25.60 14.42 -8.48
CA VAL C 483 25.04 15.81 -8.42
C VAL C 483 24.24 16.12 -9.68
N ALA C 484 23.82 17.38 -9.85
CA ALA C 484 23.01 17.78 -11.03
C ALA C 484 23.34 19.22 -11.42
N GLY C 485 23.82 19.43 -12.65
CA GLY C 485 24.10 20.80 -13.13
C GLY C 485 23.10 21.21 -14.20
N VAL C 486 23.53 22.04 -15.16
CA VAL C 486 22.61 22.39 -16.29
C VAL C 486 21.94 21.10 -16.74
N ASN C 487 22.75 20.04 -16.97
CA ASN C 487 22.20 18.74 -17.32
C ASN C 487 22.42 17.82 -16.12
N CYS C 488 22.96 16.62 -16.29
CA CYS C 488 23.22 15.68 -15.20
C CYS C 488 22.04 15.57 -14.24
N TYR C 489 20.87 15.28 -14.81
CA TYR C 489 19.67 15.18 -14.02
C TYR C 489 19.50 13.74 -13.54
N PHE C 490 18.63 13.56 -12.57
CA PHE C 490 18.42 12.21 -12.07
C PHE C 490 17.57 11.45 -13.10
N PRO C 491 17.86 10.17 -13.35
CA PRO C 491 17.15 9.47 -14.44
C PRO C 491 15.66 9.36 -14.20
N LEU C 492 15.22 9.19 -12.96
CA LEU C 492 13.82 8.87 -12.68
C LEU C 492 13.12 10.15 -12.22
N GLN C 493 11.92 10.37 -12.72
CA GLN C 493 11.11 11.53 -12.35
C GLN C 493 9.76 11.08 -11.84
N SER C 494 9.36 11.63 -10.69
CA SER C 494 8.12 11.22 -10.06
C SER C 494 6.93 11.74 -10.86
N TYR C 495 5.82 11.00 -10.79
CA TYR C 495 4.61 11.42 -11.49
C TYR C 495 3.87 12.49 -10.68
N GLY C 496 3.73 12.29 -9.38
CA GLY C 496 3.02 13.24 -8.56
C GLY C 496 1.55 13.30 -8.93
N PHE C 497 0.83 12.20 -8.73
CA PHE C 497 -0.59 12.16 -9.03
C PHE C 497 -1.38 12.89 -7.97
N ARG C 498 -2.31 13.72 -8.41
CA ARG C 498 -3.17 14.48 -7.51
C ARG C 498 -4.62 14.24 -7.89
N PRO C 499 -5.55 14.35 -6.95
CA PRO C 499 -6.94 14.01 -7.22
C PRO C 499 -7.73 15.07 -7.94
N THR C 500 -7.07 16.10 -8.50
CA THR C 500 -7.77 17.16 -9.20
C THR C 500 -7.33 17.32 -10.65
N TYR C 501 -6.43 16.47 -11.13
CA TYR C 501 -5.87 16.65 -12.47
C TYR C 501 -6.93 16.44 -13.55
N GLY C 502 -6.56 16.85 -14.76
CA GLY C 502 -7.33 16.45 -15.92
C GLY C 502 -7.21 14.97 -16.18
N VAL C 503 -8.28 14.39 -16.75
CA VAL C 503 -8.38 12.94 -16.89
C VAL C 503 -7.11 12.36 -17.49
N GLY C 504 -6.50 13.07 -18.43
CA GLY C 504 -5.29 12.56 -19.05
C GLY C 504 -4.07 12.52 -18.15
N HIS C 505 -4.17 13.02 -16.92
CA HIS C 505 -3.05 13.01 -16.00
C HIS C 505 -3.27 12.15 -14.77
N GLN C 506 -4.48 11.64 -14.56
CA GLN C 506 -4.70 10.69 -13.49
C GLN C 506 -4.06 9.35 -13.87
N PRO C 507 -3.65 8.54 -12.89
CA PRO C 507 -2.98 7.29 -13.22
C PRO C 507 -3.94 6.30 -13.85
N TYR C 508 -3.36 5.27 -14.47
CA TYR C 508 -4.13 4.21 -15.12
C TYR C 508 -3.41 2.89 -14.91
N ARG C 509 -4.03 1.98 -14.16
CA ARG C 509 -3.50 0.63 -14.06
C ARG C 509 -3.66 -0.08 -15.41
N VAL C 510 -2.65 -0.86 -15.79
CA VAL C 510 -2.65 -1.50 -17.09
C VAL C 510 -2.02 -2.89 -16.98
N VAL C 511 -2.48 -3.80 -17.83
CA VAL C 511 -2.00 -5.18 -17.86
C VAL C 511 -2.02 -5.67 -19.30
N VAL C 512 -0.99 -6.40 -19.70
CA VAL C 512 -0.79 -6.80 -21.09
C VAL C 512 -0.69 -8.32 -21.18
N LEU C 513 -1.42 -8.91 -22.13
CA LEU C 513 -1.39 -10.34 -22.40
C LEU C 513 -0.68 -10.57 -23.74
N SER C 514 0.24 -11.52 -23.76
CA SER C 514 1.01 -11.86 -24.95
C SER C 514 1.25 -13.36 -25.03
N PHE C 515 0.98 -13.97 -26.18
CA PHE C 515 1.08 -15.45 -26.27
C PHE C 515 1.36 -15.89 -27.71
N GLU C 516 2.11 -16.99 -27.86
CA GLU C 516 2.40 -17.51 -29.22
C GLU C 516 1.23 -18.40 -29.65
N LEU C 517 1.04 -18.56 -30.96
CA LEU C 517 -0.04 -19.43 -31.49
C LEU C 517 0.57 -20.42 -32.49
N LEU C 518 1.88 -20.67 -32.37
CA LEU C 518 2.55 -21.66 -33.25
C LEU C 518 1.95 -23.04 -32.99
N HIS C 519 0.84 -23.09 -32.25
CA HIS C 519 0.17 -24.38 -31.95
C HIS C 519 1.13 -25.28 -31.18
N ALA C 520 2.04 -24.70 -30.39
CA ALA C 520 2.97 -25.50 -29.56
C ALA C 520 2.15 -26.36 -28.59
N PRO C 521 2.71 -27.44 -28.00
CA PRO C 521 2.01 -28.27 -27.03
C PRO C 521 1.00 -27.42 -26.24
N ALA C 522 -0.30 -27.60 -26.48
CA ALA C 522 -1.31 -26.76 -25.81
C ALA C 522 -1.15 -26.84 -24.30
N THR C 523 -1.00 -25.69 -23.62
CA THR C 523 -0.90 -25.66 -22.17
C THR C 523 -2.07 -25.00 -21.47
N VAL C 524 -2.89 -24.21 -22.16
CA VAL C 524 -3.98 -23.49 -21.51
C VAL C 524 -5.08 -23.20 -22.52
N CYS C 525 -6.33 -23.52 -22.16
CA CYS C 525 -7.54 -23.14 -22.87
C CYS C 525 -8.75 -23.67 -22.13
N GLY C 526 -9.91 -23.09 -22.43
CA GLY C 526 -11.17 -23.53 -21.85
C GLY C 526 -12.25 -22.48 -21.81
#